data_2QCM
#
_entry.id   2QCM
#
_cell.length_a   77.378
_cell.length_b   116.607
_cell.length_c   61.910
_cell.angle_alpha   90.00
_cell.angle_beta   90.00
_cell.angle_gamma   90.00
#
_symmetry.space_group_name_H-M   'C 2 2 21'
#
loop_
_entity.id
_entity.type
_entity.pdbx_description
1 polymer "Uridine 5'-monophosphate synthase (UMP synthase)"
2 non-polymer "6-(HYDROXYMETHYL)URIDINE 5'-(DIHYDROGEN PHOSPHATE)"
3 water water
#
_entity_poly.entity_id   1
_entity_poly.type   'polypeptide(L)'
_entity_poly.pdbx_seq_one_letter_code
;GAMELSFGARAELPRIHPVASKLLRLMQKKETNLCLSADVSLARELLQLADALGPSICMLKTHVDILNDFTLDVMKELIT
LAK(CSS)HEFLIFENRKFADIGNTVKKQYEGGIFKIASWADLVNAHVVPGSGVVKGLQEVGLPLHRGCLLIAEMSSTGS
LATGDYTRAAVRMAEEHSEFVVGFISGSRVSMKPEFLHLTPGVQLEAGGDNLGQQYNSPQEVIGKRGSDIIIVGRGIISA
ADRLEAAEMYRKAAWEAYLSRLGV
;
_entity_poly.pdbx_strand_id   A
#
# COMPACT_ATOMS: atom_id res chain seq x y z
N MET A 3 9.48 19.13 -14.30
CA MET A 3 8.19 19.02 -13.56
C MET A 3 7.97 17.57 -13.15
N GLU A 4 6.78 17.05 -13.47
CA GLU A 4 6.37 15.73 -13.03
CA GLU A 4 6.35 15.72 -13.06
C GLU A 4 7.16 14.69 -13.80
N LEU A 5 7.62 13.67 -13.08
CA LEU A 5 8.38 12.56 -13.66
C LEU A 5 7.51 11.32 -13.76
N SER A 6 7.82 10.50 -14.76
CA SER A 6 7.21 9.17 -14.90
C SER A 6 7.59 8.31 -13.70
N PHE A 7 6.81 7.27 -13.45
CA PHE A 7 7.15 6.29 -12.43
C PHE A 7 8.56 5.74 -12.68
N GLY A 8 8.88 5.45 -13.94
CA GLY A 8 10.21 4.94 -14.28
C GLY A 8 11.37 5.85 -13.90
N ALA A 9 11.18 7.15 -14.12
CA ALA A 9 12.19 8.14 -13.75
C ALA A 9 12.22 8.31 -12.24
N ARG A 10 11.05 8.29 -11.60
CA ARG A 10 11.02 8.43 -10.16
C ARG A 10 11.80 7.30 -9.52
N ALA A 11 11.81 6.14 -10.17
CA ALA A 11 12.50 4.93 -9.66
C ALA A 11 14.01 5.13 -9.56
N GLU A 12 14.51 6.14 -10.26
CA GLU A 12 15.94 6.43 -10.32
C GLU A 12 16.36 7.65 -9.48
N LEU A 13 15.42 8.28 -8.78
CA LEU A 13 15.73 9.54 -8.07
C LEU A 13 16.83 9.27 -7.04
N PRO A 14 17.74 10.23 -6.87
CA PRO A 14 18.86 10.05 -5.92
C PRO A 14 18.47 9.53 -4.54
N ARG A 15 17.36 10.04 -4.01
CA ARG A 15 16.95 9.73 -2.62
CA ARG A 15 16.95 9.74 -2.62
C ARG A 15 15.91 8.62 -2.55
N ILE A 16 15.64 7.98 -3.68
CA ILE A 16 14.62 6.92 -3.70
C ILE A 16 15.05 5.76 -2.79
N HIS A 17 14.07 5.20 -2.08
CA HIS A 17 14.28 4.00 -1.27
C HIS A 17 14.24 2.78 -2.19
N PRO A 18 15.09 1.77 -1.92
CA PRO A 18 15.13 0.60 -2.81
C PRO A 18 13.78 -0.12 -3.04
N VAL A 19 12.96 -0.16 -2.01
CA VAL A 19 11.64 -0.78 -2.15
C VAL A 19 10.75 0.07 -3.04
N ALA A 20 10.79 1.38 -2.85
CA ALA A 20 10.05 2.29 -3.73
C ALA A 20 10.53 2.11 -5.17
N SER A 21 11.85 2.03 -5.35
CA SER A 21 12.40 1.89 -6.71
C SER A 21 11.91 0.64 -7.42
N LYS A 22 11.95 -0.49 -6.71
CA LYS A 22 11.47 -1.77 -7.23
C LYS A 22 10.02 -1.64 -7.65
N LEU A 23 9.22 -1.02 -6.78
CA LEU A 23 7.80 -0.81 -7.08
C LEU A 23 7.57 0.04 -8.31
N LEU A 24 8.24 1.19 -8.34
CA LEU A 24 8.08 2.14 -9.45
C LEU A 24 8.50 1.50 -10.76
N ARG A 25 9.58 0.73 -10.76
CA ARG A 25 10.01 0.06 -11.99
CA ARG A 25 10.05 -0.01 -11.95
C ARG A 25 8.97 -0.95 -12.49
N LEU A 26 8.39 -1.74 -11.59
CA LEU A 26 7.43 -2.74 -12.04
C LEU A 26 6.09 -2.09 -12.45
N MET A 27 5.72 -0.98 -11.83
CA MET A 27 4.55 -0.22 -12.24
C MET A 27 4.70 0.20 -13.71
N GLN A 28 5.86 0.75 -14.01
CA GLN A 28 6.14 1.21 -15.39
C GLN A 28 6.19 0.06 -16.37
N LYS A 29 6.88 -1.02 -16.02
CA LYS A 29 6.99 -2.20 -16.89
C LYS A 29 5.64 -2.80 -17.24
N LYS A 30 4.80 -2.91 -16.22
CA LYS A 30 3.51 -3.58 -16.32
C LYS A 30 2.32 -2.67 -16.62
N GLU A 31 2.55 -1.37 -16.65
CA GLU A 31 1.47 -0.40 -16.88
C GLU A 31 0.35 -0.63 -15.88
N THR A 32 0.76 -0.70 -14.64
CA THR A 32 -0.24 -0.82 -13.52
C THR A 32 0.13 -0.01 -12.28
N ASN A 33 -0.84 0.76 -11.78
CA ASN A 33 -0.71 1.49 -10.52
C ASN A 33 -1.92 1.07 -9.65
N LEU A 34 -2.31 -0.19 -9.78
CA LEU A 34 -3.39 -0.78 -9.00
C LEU A 34 -2.83 -1.68 -7.90
N CYS A 35 -3.30 -1.45 -6.67
CA CYS A 35 -3.04 -2.30 -5.52
C CYS A 35 -4.33 -3.03 -5.16
N LEU A 36 -4.31 -4.36 -5.23
CA LEU A 36 -5.48 -5.16 -4.90
C LEU A 36 -5.55 -5.27 -3.39
N SER A 37 -6.70 -4.93 -2.82
CA SER A 37 -6.92 -5.14 -1.37
C SER A 37 -7.59 -6.50 -1.23
N ALA A 38 -6.81 -7.50 -0.88
CA ALA A 38 -7.27 -8.92 -0.91
C ALA A 38 -7.91 -9.26 0.43
N ASP A 39 -9.07 -8.66 0.66
CA ASP A 39 -9.77 -8.78 1.93
C ASP A 39 -10.66 -10.00 1.90
N VAL A 40 -10.01 -11.16 1.99
CA VAL A 40 -10.67 -12.47 1.98
C VAL A 40 -10.25 -13.28 3.19
N SER A 41 -11.05 -14.28 3.56
CA SER A 41 -10.81 -15.06 4.76
CA SER A 41 -10.85 -15.07 4.77
C SER A 41 -10.20 -16.44 4.49
N LEU A 42 -10.17 -16.84 3.21
CA LEU A 42 -9.65 -18.16 2.81
CA LEU A 42 -9.66 -18.15 2.82
C LEU A 42 -8.32 -18.04 2.09
N ALA A 43 -7.29 -18.73 2.60
CA ALA A 43 -5.98 -18.77 1.94
C ALA A 43 -6.10 -19.17 0.47
N ARG A 44 -6.97 -20.14 0.15
CA ARG A 44 -7.05 -20.58 -1.25
C ARG A 44 -7.56 -19.45 -2.14
N GLU A 45 -8.52 -18.68 -1.66
CA GLU A 45 -9.03 -17.55 -2.43
C GLU A 45 -7.96 -16.48 -2.59
N LEU A 46 -7.22 -16.21 -1.50
CA LEU A 46 -6.13 -15.25 -1.53
C LEU A 46 -5.14 -15.62 -2.63
N LEU A 47 -4.72 -16.86 -2.61
CA LEU A 47 -3.72 -17.33 -3.56
C LEU A 47 -4.26 -17.38 -4.99
N GLN A 48 -5.50 -17.82 -5.17
CA GLN A 48 -6.08 -17.84 -6.52
C GLN A 48 -6.24 -16.40 -7.08
N LEU A 49 -6.61 -15.47 -6.23
CA LEU A 49 -6.65 -14.05 -6.65
C LEU A 49 -5.26 -13.55 -7.00
N ALA A 50 -4.28 -13.83 -6.13
CA ALA A 50 -2.93 -13.39 -6.37
C ALA A 50 -2.37 -13.88 -7.71
N ASP A 51 -2.64 -15.15 -8.03
CA ASP A 51 -2.15 -15.74 -9.28
C ASP A 51 -2.86 -15.13 -10.51
N ALA A 52 -4.18 -15.07 -10.47
CA ALA A 52 -4.94 -14.60 -11.62
C ALA A 52 -4.78 -13.11 -11.85
N LEU A 53 -4.69 -12.35 -10.75
CA LEU A 53 -4.65 -10.89 -10.86
C LEU A 53 -3.23 -10.30 -10.82
N GLY A 54 -2.25 -11.15 -10.49
CA GLY A 54 -0.87 -10.74 -10.34
C GLY A 54 -0.40 -9.88 -11.52
N PRO A 55 -0.61 -10.36 -12.75
CA PRO A 55 -0.18 -9.55 -13.89
C PRO A 55 -0.77 -8.14 -13.98
N SER A 56 -1.92 -7.93 -13.36
CA SER A 56 -2.66 -6.65 -13.44
C SER A 56 -2.36 -5.66 -12.31
N ILE A 57 -1.62 -6.09 -11.28
CA ILE A 57 -1.42 -5.28 -10.08
C ILE A 57 0.06 -4.96 -9.84
N CYS A 58 0.34 -3.83 -9.18
CA CYS A 58 1.70 -3.53 -8.73
C CYS A 58 1.91 -4.00 -7.29
N MET A 59 0.83 -4.34 -6.61
CA MET A 59 0.90 -4.62 -5.18
C MET A 59 -0.33 -5.39 -4.76
N LEU A 60 -0.18 -6.24 -3.75
CA LEU A 60 -1.29 -6.97 -3.17
C LEU A 60 -1.25 -6.61 -1.70
N LYS A 61 -2.35 -6.05 -1.21
CA LYS A 61 -2.45 -5.63 0.18
C LYS A 61 -3.20 -6.72 0.95
N THR A 62 -2.61 -7.14 2.06
CA THR A 62 -3.16 -8.19 2.91
C THR A 62 -3.64 -7.64 4.26
N HIS A 63 -4.65 -8.30 4.83
CA HIS A 63 -4.95 -8.25 6.26
C HIS A 63 -4.81 -9.70 6.76
N VAL A 64 -3.61 -10.10 7.15
CA VAL A 64 -3.35 -11.50 7.49
CA VAL A 64 -3.35 -11.50 7.50
C VAL A 64 -4.18 -11.92 8.72
N ASP A 65 -4.59 -10.93 9.52
CA ASP A 65 -5.36 -11.26 10.73
C ASP A 65 -6.83 -11.57 10.48
N ILE A 66 -7.27 -11.55 9.24
CA ILE A 66 -8.63 -12.02 8.92
CA ILE A 66 -8.61 -11.95 8.85
C ILE A 66 -8.60 -13.33 8.15
N LEU A 67 -7.39 -13.84 7.85
CA LEU A 67 -7.25 -15.16 7.21
C LEU A 67 -7.54 -16.24 8.22
N ASN A 68 -8.61 -16.99 8.00
CA ASN A 68 -8.97 -18.04 8.93
C ASN A 68 -7.94 -19.17 8.99
N ASP A 69 -7.22 -19.39 7.90
CA ASP A 69 -6.27 -20.49 7.82
C ASP A 69 -4.87 -19.99 7.49
N PHE A 70 -4.52 -18.83 8.06
CA PHE A 70 -3.14 -18.37 7.98
C PHE A 70 -2.16 -19.43 8.45
N THR A 71 -1.10 -19.60 7.67
CA THR A 71 0.13 -20.22 8.13
C THR A 71 1.25 -19.49 7.39
N LEU A 72 2.48 -19.66 7.86
CA LEU A 72 3.61 -19.04 7.16
C LEU A 72 3.84 -19.66 5.80
N ASP A 73 3.41 -20.91 5.62
CA ASP A 73 3.49 -21.57 4.32
CA ASP A 73 3.54 -21.54 4.32
C ASP A 73 2.60 -20.89 3.30
N VAL A 74 1.45 -20.41 3.76
CA VAL A 74 0.59 -19.61 2.86
C VAL A 74 1.37 -18.39 2.36
N MET A 75 2.10 -17.71 3.25
CA MET A 75 2.83 -16.53 2.84
CA MET A 75 2.88 -16.54 2.87
C MET A 75 4.00 -16.90 1.91
N LYS A 76 4.61 -18.06 2.10
CA LYS A 76 5.64 -18.55 1.18
C LYS A 76 5.07 -18.68 -0.23
N GLU A 77 3.88 -19.28 -0.32
CA GLU A 77 3.21 -19.43 -1.62
C GLU A 77 2.85 -18.07 -2.22
N LEU A 78 2.44 -17.13 -1.38
CA LEU A 78 2.13 -15.77 -1.85
C LEU A 78 3.39 -15.10 -2.38
N ILE A 79 4.51 -15.29 -1.69
CA ILE A 79 5.79 -14.74 -2.15
C ILE A 79 6.18 -15.31 -3.50
N THR A 80 5.95 -16.60 -3.70
CA THR A 80 6.25 -17.24 -4.99
C THR A 80 5.46 -16.55 -6.13
N LEU A 81 4.19 -16.28 -5.87
CA LEU A 81 3.37 -15.57 -6.85
C LEU A 81 3.82 -14.11 -7.06
N ALA A 82 4.16 -13.42 -5.97
CA ALA A 82 4.68 -12.05 -6.03
C ALA A 82 5.93 -11.95 -6.89
N LYS A 83 6.85 -12.89 -6.71
CA LYS A 83 8.07 -12.93 -7.52
C LYS A 83 7.76 -13.28 -8.98
N HIS A 85 4.84 -12.96 -10.73
CA HIS A 85 4.07 -11.92 -11.41
C HIS A 85 4.59 -10.50 -11.25
N GLU A 86 5.57 -10.30 -10.36
CA GLU A 86 6.17 -9.01 -10.06
C GLU A 86 5.19 -8.03 -9.44
N PHE A 87 4.87 -8.27 -8.17
CA PHE A 87 4.16 -7.30 -7.37
C PHE A 87 4.72 -7.33 -5.95
N LEU A 88 4.55 -6.24 -5.21
CA LEU A 88 4.97 -6.21 -3.80
CA LEU A 88 4.95 -6.17 -3.80
C LEU A 88 3.84 -6.65 -2.90
N ILE A 89 4.22 -7.14 -1.72
CA ILE A 89 3.24 -7.54 -0.69
C ILE A 89 3.23 -6.45 0.39
N PHE A 90 2.04 -5.92 0.66
CA PHE A 90 1.82 -4.86 1.63
C PHE A 90 0.86 -5.38 2.70
N GLU A 91 1.33 -5.55 3.93
CA GLU A 91 0.46 -5.96 5.04
C GLU A 91 -0.05 -4.69 5.74
N ASN A 92 -1.37 -4.54 5.74
CA ASN A 92 -2.05 -3.31 6.19
C ASN A 92 -2.28 -3.42 7.70
N ARG A 93 -1.17 -3.51 8.41
CA ARG A 93 -1.19 -3.80 9.83
C ARG A 93 -1.53 -2.58 10.69
N LYS A 94 -1.29 -1.38 10.17
CA LYS A 94 -1.61 -0.14 10.89
C LYS A 94 -1.00 -0.12 12.30
N PHE A 95 0.28 -0.42 12.37
CA PHE A 95 0.98 -0.29 13.64
C PHE A 95 0.68 1.08 14.22
N ALA A 96 0.40 1.15 15.53
CA ALA A 96 -0.13 2.37 16.08
C ALA A 96 0.08 2.47 17.59
N ASP A 97 1.28 2.15 18.03
CA ASP A 97 1.62 2.20 19.47
C ASP A 97 3.05 2.64 19.63
N ILE A 98 3.50 2.66 20.88
CA ILE A 98 4.83 3.07 21.21
C ILE A 98 5.85 2.17 20.52
N GLY A 99 7.03 2.72 20.26
CA GLY A 99 8.04 2.00 19.50
C GLY A 99 8.41 0.63 20.03
N ASN A 100 8.52 0.50 21.35
CA ASN A 100 8.94 -0.76 21.93
C ASN A 100 7.95 -1.89 21.61
N THR A 101 6.65 -1.56 21.58
CA THR A 101 5.62 -2.54 21.30
C THR A 101 5.60 -2.89 19.82
N VAL A 102 5.60 -1.88 18.95
CA VAL A 102 5.45 -2.17 17.52
C VAL A 102 6.63 -2.97 16.97
N LYS A 103 7.82 -2.79 17.52
CA LYS A 103 8.96 -3.55 17.03
CA LYS A 103 8.94 -3.54 17.00
C LYS A 103 8.72 -5.06 17.20
N LYS A 104 8.11 -5.43 18.32
CA LYS A 104 7.82 -6.84 18.60
CA LYS A 104 7.80 -6.84 18.61
C LYS A 104 6.67 -7.36 17.74
N GLN A 105 5.67 -6.51 17.51
CA GLN A 105 4.53 -6.84 16.67
C GLN A 105 4.92 -7.06 15.22
N TYR A 106 5.94 -6.34 14.78
CA TYR A 106 6.41 -6.39 13.40
C TYR A 106 7.23 -7.67 13.15
N GLU A 107 8.11 -7.99 14.10
CA GLU A 107 9.03 -9.12 13.92
C GLU A 107 8.43 -10.47 14.32
N GLY A 108 7.65 -10.45 15.40
CA GLY A 108 7.40 -11.66 16.15
C GLY A 108 6.02 -12.21 16.03
N GLY A 109 5.61 -12.93 17.07
CA GLY A 109 4.30 -13.51 17.11
C GLY A 109 4.15 -14.58 16.05
N ILE A 110 2.93 -15.02 15.83
CA ILE A 110 2.61 -16.07 14.86
CA ILE A 110 2.70 -16.09 14.87
C ILE A 110 2.78 -15.58 13.43
N PHE A 111 2.52 -14.29 13.22
CA PHE A 111 2.51 -13.79 11.81
C PHE A 111 3.88 -13.52 11.22
N LYS A 112 4.86 -13.18 12.06
CA LYS A 112 6.21 -12.77 11.59
C LYS A 112 6.13 -11.87 10.36
N ILE A 113 5.43 -10.75 10.51
CA ILE A 113 5.09 -9.91 9.35
C ILE A 113 6.33 -9.48 8.60
N ALA A 114 7.39 -9.11 9.32
CA ALA A 114 8.60 -8.56 8.69
C ALA A 114 9.27 -9.60 7.76
N SER A 115 9.03 -10.90 7.98
CA SER A 115 9.67 -11.96 7.18
CA SER A 115 9.68 -11.95 7.18
C SER A 115 9.12 -12.06 5.77
N TRP A 116 7.90 -11.58 5.55
CA TRP A 116 7.26 -11.70 4.21
C TRP A 116 6.71 -10.41 3.61
N ALA A 117 6.51 -9.37 4.41
CA ALA A 117 5.87 -8.17 3.91
C ALA A 117 6.91 -7.16 3.37
N ASP A 118 6.84 -6.85 2.08
CA ASP A 118 7.71 -5.79 1.54
C ASP A 118 7.45 -4.44 2.22
N LEU A 119 6.15 -4.15 2.39
CA LEU A 119 5.68 -2.91 2.96
C LEU A 119 4.72 -3.19 4.11
N VAL A 120 4.78 -2.32 5.11
CA VAL A 120 3.73 -2.22 6.15
C VAL A 120 3.33 -0.76 6.27
N ASN A 121 2.32 -0.48 7.09
CA ASN A 121 1.94 0.90 7.37
C ASN A 121 1.80 1.15 8.85
N ALA A 122 1.78 2.43 9.20
CA ALA A 122 1.65 2.83 10.59
C ALA A 122 0.81 4.08 10.69
N HIS A 123 0.03 4.21 11.74
CA HIS A 123 -0.57 5.48 12.10
C HIS A 123 0.46 6.33 12.81
N VAL A 124 0.36 7.66 12.66
CA VAL A 124 1.37 8.55 13.21
C VAL A 124 1.00 9.11 14.58
N VAL A 125 -0.20 8.78 15.05
CA VAL A 125 -0.72 9.28 16.32
C VAL A 125 0.23 9.12 17.54
N PRO A 126 1.02 8.02 17.62
CA PRO A 126 1.89 7.90 18.79
C PRO A 126 3.10 8.82 18.77
N GLY A 127 3.35 9.52 17.66
CA GLY A 127 4.61 10.24 17.50
C GLY A 127 5.64 9.38 16.81
N SER A 128 6.81 9.96 16.56
CA SER A 128 7.78 9.32 15.68
C SER A 128 8.39 8.02 16.23
N GLY A 129 8.22 7.77 17.51
CA GLY A 129 8.62 6.48 18.09
C GLY A 129 8.03 5.29 17.38
N VAL A 130 6.84 5.45 16.77
CA VAL A 130 6.26 4.30 16.08
C VAL A 130 7.14 3.91 14.88
N VAL A 131 7.68 4.92 14.20
CA VAL A 131 8.57 4.70 13.07
C VAL A 131 9.92 4.17 13.55
N LYS A 132 10.48 4.78 14.58
CA LYS A 132 11.77 4.34 15.12
CA LYS A 132 11.77 4.34 15.11
C LYS A 132 11.76 2.89 15.57
N GLY A 133 10.68 2.47 16.23
CA GLY A 133 10.57 1.07 16.65
C GLY A 133 10.49 0.15 15.46
N LEU A 134 9.67 0.51 14.49
CA LEU A 134 9.52 -0.38 13.34
C LEU A 134 10.83 -0.49 12.56
N GLN A 135 11.52 0.62 12.43
CA GLN A 135 12.80 0.73 11.68
CA GLN A 135 12.72 0.62 11.60
C GLN A 135 13.84 -0.24 12.20
N GLU A 136 13.81 -0.44 13.52
CA GLU A 136 14.82 -1.30 14.14
CA GLU A 136 14.77 -1.32 14.20
C GLU A 136 14.75 -2.72 13.58
N VAL A 137 13.56 -3.15 13.17
CA VAL A 137 13.35 -4.45 12.52
C VAL A 137 13.39 -4.36 10.99
N GLY A 138 12.76 -3.32 10.45
CA GLY A 138 12.57 -3.21 9.00
C GLY A 138 13.82 -2.82 8.24
N LEU A 139 14.65 -1.97 8.83
CA LEU A 139 15.85 -1.53 8.10
C LEU A 139 16.81 -2.70 7.81
N PRO A 140 17.14 -3.50 8.84
CA PRO A 140 17.97 -4.68 8.58
C PRO A 140 17.37 -5.65 7.56
N LEU A 141 16.04 -5.71 7.49
CA LEU A 141 15.37 -6.62 6.55
C LEU A 141 15.03 -5.95 5.23
N HIS A 142 15.53 -4.72 5.02
CA HIS A 142 15.44 -4.05 3.72
C HIS A 142 13.95 -3.78 3.34
N ARG A 143 13.13 -3.49 4.36
CA ARG A 143 11.70 -3.26 4.16
C ARG A 143 11.37 -1.78 4.09
N GLY A 144 10.14 -1.47 3.70
CA GLY A 144 9.64 -0.08 3.68
C GLY A 144 8.35 0.04 4.47
N CYS A 145 8.01 1.30 4.79
CA CYS A 145 6.82 1.64 5.57
C CYS A 145 6.07 2.78 4.90
N LEU A 146 4.74 2.77 5.05
CA LEU A 146 3.86 3.85 4.60
C LEU A 146 3.21 4.47 5.84
N LEU A 147 3.10 5.80 5.89
CA LEU A 147 2.44 6.47 7.02
C LEU A 147 1.05 6.89 6.61
N ILE A 148 0.08 6.70 7.50
CA ILE A 148 -1.29 7.03 7.22
C ILE A 148 -1.49 8.53 7.49
N ALA A 149 -1.50 9.31 6.41
CA ALA A 149 -1.62 10.76 6.49
C ALA A 149 -3.06 11.26 6.40
N GLU A 150 -3.91 10.51 5.70
CA GLU A 150 -5.33 10.83 5.56
C GLU A 150 -6.07 9.50 5.52
N MET A 151 -7.35 9.52 5.86
CA MET A 151 -8.19 8.32 5.77
C MET A 151 -9.45 8.61 4.96
N SER A 152 -10.02 7.54 4.40
CA SER A 152 -11.13 7.65 3.47
C SER A 152 -12.49 7.73 4.13
N SER A 153 -12.55 7.49 5.43
CA SER A 153 -13.81 7.24 6.13
C SER A 153 -14.43 8.50 6.73
N THR A 154 -15.74 8.45 6.91
CA THR A 154 -16.47 9.58 7.40
C THR A 154 -16.05 9.89 8.84
N GLY A 155 -15.66 11.12 9.09
CA GLY A 155 -15.28 11.52 10.43
C GLY A 155 -13.80 11.40 10.70
N SER A 156 -13.02 11.05 9.67
CA SER A 156 -11.57 10.95 9.81
C SER A 156 -10.98 12.17 10.49
N LEU A 157 -10.12 11.94 11.48
CA LEU A 157 -9.41 13.01 12.16
C LEU A 157 -8.00 13.24 11.57
N ALA A 158 -7.68 12.52 10.50
CA ALA A 158 -6.37 12.64 9.86
C ALA A 158 -6.45 13.75 8.84
N THR A 159 -6.52 14.98 9.36
CA THR A 159 -6.70 16.18 8.55
C THR A 159 -5.79 17.28 9.10
N GLY A 160 -5.61 18.36 8.33
CA GLY A 160 -4.98 19.56 8.90
C GLY A 160 -3.60 19.30 9.45
N ASP A 161 -3.36 19.73 10.70
CA ASP A 161 -2.05 19.60 11.33
C ASP A 161 -1.62 18.14 11.51
N TYR A 162 -2.59 17.24 11.61
CA TYR A 162 -2.32 15.80 11.75
C TYR A 162 -1.65 15.29 10.44
N THR A 163 -2.24 15.64 9.32
CA THR A 163 -1.71 15.27 8.03
C THR A 163 -0.30 15.88 7.84
N ARG A 164 -0.13 17.15 8.24
CA ARG A 164 1.19 17.81 8.15
C ARG A 164 2.23 17.08 8.99
N ALA A 165 1.81 16.60 10.16
CA ALA A 165 2.71 15.88 11.05
C ALA A 165 3.13 14.56 10.41
N ALA A 166 2.21 13.89 9.71
CA ALA A 166 2.53 12.64 9.03
C ALA A 166 3.57 12.85 7.94
N VAL A 167 3.38 13.92 7.19
CA VAL A 167 4.30 14.25 6.11
C VAL A 167 5.69 14.55 6.64
N ARG A 168 5.78 15.38 7.68
CA ARG A 168 7.07 15.65 8.31
C ARG A 168 7.73 14.37 8.82
N MET A 169 6.96 13.51 9.48
CA MET A 169 7.51 12.30 10.03
C MET A 169 8.08 11.40 8.92
N ALA A 170 7.38 11.32 7.78
CA ALA A 170 7.88 10.55 6.65
C ALA A 170 9.18 11.15 6.12
N GLU A 171 9.15 12.45 5.91
CA GLU A 171 10.27 13.13 5.25
C GLU A 171 11.53 13.08 6.12
N GLU A 172 11.35 13.01 7.45
CA GLU A 172 12.44 12.88 8.43
C GLU A 172 12.92 11.45 8.68
N HIS A 173 12.25 10.46 8.09
CA HIS A 173 12.60 9.05 8.24
C HIS A 173 12.64 8.34 6.90
N SER A 174 13.27 9.02 5.93
CA SER A 174 13.23 8.57 4.55
C SER A 174 14.03 7.30 4.28
N GLU A 175 14.84 6.88 5.24
CA GLU A 175 15.58 5.62 5.07
CA GLU A 175 15.59 5.63 5.16
CA GLU A 175 15.58 5.63 5.10
C GLU A 175 14.66 4.40 5.22
N PHE A 176 13.46 4.61 5.77
CA PHE A 176 12.51 3.50 6.00
C PHE A 176 11.11 3.80 5.48
N VAL A 177 10.68 5.05 5.61
CA VAL A 177 9.35 5.46 5.15
C VAL A 177 9.42 5.82 3.66
N VAL A 178 8.59 5.16 2.84
CA VAL A 178 8.61 5.32 1.41
C VAL A 178 7.36 5.99 0.84
N GLY A 179 6.40 6.33 1.70
CA GLY A 179 5.20 7.01 1.21
C GLY A 179 4.08 6.98 2.19
N PHE A 180 2.87 7.15 1.66
CA PHE A 180 1.69 7.42 2.48
C PHE A 180 0.49 6.62 2.05
N ILE A 181 -0.38 6.36 3.00
CA ILE A 181 -1.78 6.09 2.71
C ILE A 181 -2.41 7.50 2.82
N SER A 182 -3.05 7.96 1.76
CA SER A 182 -3.64 9.28 1.75
C SER A 182 -4.70 9.37 0.67
N GLY A 183 -5.47 10.43 0.68
CA GLY A 183 -6.50 10.64 -0.34
C GLY A 183 -6.05 11.44 -1.53
N SER A 184 -4.87 12.03 -1.41
CA SER A 184 -4.33 12.96 -2.37
CA SER A 184 -4.33 12.95 -2.38
C SER A 184 -2.82 12.98 -2.22
N ARG A 185 -2.15 13.64 -3.16
CA ARG A 185 -0.76 13.97 -2.96
C ARG A 185 -0.67 14.88 -1.72
N VAL A 186 0.11 14.46 -0.73
CA VAL A 186 0.35 15.23 0.47
C VAL A 186 1.81 15.68 0.63
N SER A 187 2.75 14.93 0.04
CA SER A 187 4.16 15.37 -0.03
C SER A 187 4.47 15.90 -1.44
N MET A 188 5.25 16.97 -1.46
CA MET A 188 5.75 17.54 -2.70
C MET A 188 7.04 16.89 -3.17
N LYS A 189 7.58 15.95 -2.41
CA LYS A 189 8.81 15.27 -2.79
C LYS A 189 8.46 14.01 -3.58
N PRO A 190 8.96 13.92 -4.83
CA PRO A 190 8.55 12.83 -5.72
C PRO A 190 9.04 11.44 -5.33
N GLU A 191 9.95 11.37 -4.35
CA GLU A 191 10.51 10.11 -3.91
CA GLU A 191 10.49 10.09 -3.97
C GLU A 191 9.50 9.30 -3.08
N PHE A 192 8.44 9.97 -2.64
CA PHE A 192 7.41 9.30 -1.83
C PHE A 192 6.22 8.87 -2.67
N LEU A 193 5.72 7.68 -2.38
CA LEU A 193 4.54 7.13 -3.04
CA LEU A 193 4.53 7.16 -3.06
C LEU A 193 3.28 7.57 -2.29
N HIS A 194 2.22 7.83 -3.04
CA HIS A 194 0.90 8.07 -2.47
C HIS A 194 -0.03 6.94 -2.90
N LEU A 195 -0.57 6.22 -1.91
CA LEU A 195 -1.52 5.12 -2.14
C LEU A 195 -2.86 5.51 -1.56
N THR A 196 -3.92 5.37 -2.35
CA THR A 196 -5.22 5.88 -1.97
C THR A 196 -6.28 4.79 -1.97
N PRO A 197 -6.85 4.50 -0.78
CA PRO A 197 -7.98 3.63 -0.63
C PRO A 197 -9.27 4.43 -0.74
N GLY A 198 -10.40 3.73 -0.68
CA GLY A 198 -11.70 4.37 -0.85
C GLY A 198 -11.93 4.67 -2.33
N VAL A 199 -11.75 3.65 -3.14
CA VAL A 199 -11.86 3.80 -4.59
C VAL A 199 -12.81 2.79 -5.20
N GLN A 200 -13.76 3.30 -6.00
CA GLN A 200 -14.65 2.48 -6.85
CA GLN A 200 -14.56 2.45 -6.89
C GLN A 200 -14.99 3.31 -8.08
N LEU A 201 -15.41 2.64 -9.16
CA LEU A 201 -15.79 3.36 -10.37
C LEU A 201 -17.08 4.15 -10.16
N GLU A 202 -18.04 3.56 -9.46
CA GLU A 202 -19.33 4.21 -9.20
C GLU A 202 -19.33 4.98 -7.89
N ALA A 203 -20.16 6.03 -7.83
CA ALA A 203 -20.29 6.81 -6.60
C ALA A 203 -20.93 5.95 -5.53
N GLY A 204 -20.60 6.22 -4.27
CA GLY A 204 -21.20 5.49 -3.18
C GLY A 204 -20.30 5.42 -1.97
N GLY A 205 -20.66 4.49 -1.09
CA GLY A 205 -19.98 4.29 0.20
C GLY A 205 -20.39 2.92 0.69
N ASP A 206 -20.10 2.61 1.95
CA ASP A 206 -20.69 1.44 2.59
C ASP A 206 -21.49 1.92 3.78
N ASN A 207 -22.05 0.98 4.56
CA ASN A 207 -22.89 1.34 5.69
CA ASN A 207 -22.89 1.37 5.68
C ASN A 207 -22.12 1.56 6.99
N LEU A 208 -20.79 1.58 6.91
CA LEU A 208 -19.92 1.73 8.06
C LEU A 208 -18.83 2.77 7.80
N GLY A 209 -19.21 3.84 7.11
CA GLY A 209 -18.39 5.04 7.02
C GLY A 209 -17.39 5.10 5.89
N GLN A 210 -17.32 4.04 5.07
CA GLN A 210 -16.42 4.12 3.90
C GLN A 210 -17.04 5.03 2.83
N GLN A 211 -16.19 5.81 2.18
CA GLN A 211 -16.61 6.72 1.14
C GLN A 211 -15.76 6.46 -0.08
N TYR A 212 -16.38 6.44 -1.25
CA TYR A 212 -15.66 6.15 -2.48
C TYR A 212 -15.50 7.37 -3.39
N ASN A 213 -14.34 7.39 -4.04
CA ASN A 213 -14.08 8.26 -5.19
C ASN A 213 -13.51 7.42 -6.32
N SER A 214 -13.59 7.94 -7.55
CA SER A 214 -13.11 7.19 -8.70
C SER A 214 -11.60 7.29 -8.91
N PRO A 215 -11.06 6.34 -9.68
CA PRO A 215 -9.63 6.45 -10.06
C PRO A 215 -9.29 7.78 -10.73
N GLN A 216 -10.14 8.27 -11.64
CA GLN A 216 -9.83 9.54 -12.30
C GLN A 216 -9.75 10.68 -11.27
N GLU A 217 -10.66 10.69 -10.29
CA GLU A 217 -10.65 11.72 -9.26
C GLU A 217 -9.33 11.61 -8.44
N VAL A 218 -9.01 10.42 -7.95
CA VAL A 218 -7.91 10.34 -6.98
C VAL A 218 -6.53 10.41 -7.62
N ILE A 219 -6.36 9.80 -8.79
CA ILE A 219 -5.08 9.82 -9.51
C ILE A 219 -4.96 11.08 -10.33
N GLY A 220 -6.01 11.39 -11.09
CA GLY A 220 -6.02 12.55 -11.97
C GLY A 220 -6.12 13.87 -11.27
N LYS A 221 -7.19 14.10 -10.51
CA LYS A 221 -7.39 15.41 -9.89
C LYS A 221 -6.62 15.58 -8.59
N ARG A 222 -6.54 14.53 -7.77
CA ARG A 222 -5.94 14.66 -6.46
C ARG A 222 -4.46 14.29 -6.42
N GLY A 223 -3.95 13.77 -7.54
CA GLY A 223 -2.50 13.61 -7.71
C GLY A 223 -1.87 12.42 -7.00
N SER A 224 -2.67 11.44 -6.61
CA SER A 224 -2.13 10.24 -5.97
CA SER A 224 -2.17 10.21 -5.98
C SER A 224 -1.49 9.34 -7.02
N ASP A 225 -0.72 8.34 -6.57
CA ASP A 225 0.00 7.41 -7.45
C ASP A 225 -0.68 6.07 -7.72
N ILE A 226 -1.24 5.48 -6.67
CA ILE A 226 -1.72 4.10 -6.72
C ILE A 226 -3.09 4.07 -6.10
N ILE A 227 -4.01 3.34 -6.70
CA ILE A 227 -5.32 3.10 -6.10
C ILE A 227 -5.33 1.76 -5.38
N ILE A 228 -5.93 1.75 -4.19
CA ILE A 228 -6.15 0.55 -3.44
C ILE A 228 -7.63 0.20 -3.57
N VAL A 229 -7.93 -0.99 -4.07
CA VAL A 229 -9.31 -1.37 -4.38
C VAL A 229 -9.60 -2.76 -3.83
N GLY A 230 -10.63 -2.83 -2.98
CA GLY A 230 -11.04 -4.09 -2.38
C GLY A 230 -12.32 -4.56 -3.02
N ARG A 231 -13.44 -4.23 -2.39
CA ARG A 231 -14.77 -4.74 -2.79
C ARG A 231 -15.13 -4.46 -4.25
N GLY A 232 -14.69 -3.32 -4.80
CA GLY A 232 -14.89 -3.05 -6.23
C GLY A 232 -14.43 -4.16 -7.15
N ILE A 233 -13.38 -4.86 -6.74
CA ILE A 233 -12.88 -6.02 -7.44
C ILE A 233 -13.39 -7.30 -6.78
N ILE A 234 -13.21 -7.45 -5.47
CA ILE A 234 -13.42 -8.74 -4.81
C ILE A 234 -14.89 -9.22 -4.85
N SER A 235 -15.82 -8.28 -4.81
CA SER A 235 -17.25 -8.64 -4.83
C SER A 235 -17.77 -8.84 -6.25
N ALA A 236 -16.99 -8.46 -7.24
CA ALA A 236 -17.37 -8.65 -8.66
C ALA A 236 -17.36 -10.11 -9.03
N ALA A 237 -18.17 -10.50 -10.03
CA ALA A 237 -18.13 -11.89 -10.45
C ALA A 237 -16.78 -12.26 -11.06
N ASP A 238 -16.41 -11.53 -12.10
CA ASP A 238 -15.13 -11.73 -12.79
C ASP A 238 -14.12 -10.76 -12.20
N ARG A 239 -13.34 -11.24 -11.23
CA ARG A 239 -12.35 -10.42 -10.52
CA ARG A 239 -12.38 -10.38 -10.56
C ARG A 239 -11.21 -10.00 -11.45
N LEU A 240 -10.92 -10.82 -12.47
CA LEU A 240 -9.83 -10.48 -13.40
C LEU A 240 -10.23 -9.27 -14.24
N GLU A 241 -11.42 -9.33 -14.82
CA GLU A 241 -11.96 -8.23 -15.61
CA GLU A 241 -11.88 -8.21 -15.63
C GLU A 241 -12.07 -6.98 -14.75
N ALA A 242 -12.55 -7.14 -13.52
CA ALA A 242 -12.70 -5.99 -12.64
C ALA A 242 -11.34 -5.32 -12.41
N ALA A 243 -10.34 -6.13 -12.13
CA ALA A 243 -9.00 -5.63 -11.88
C ALA A 243 -8.48 -4.89 -13.11
N GLU A 244 -8.76 -5.47 -14.29
CA GLU A 244 -8.31 -4.80 -15.53
C GLU A 244 -9.00 -3.45 -15.70
N MET A 245 -10.29 -3.38 -15.38
CA MET A 245 -10.98 -2.10 -15.47
C MET A 245 -10.34 -1.08 -14.56
N TYR A 246 -10.05 -1.48 -13.32
CA TYR A 246 -9.43 -0.55 -12.38
C TYR A 246 -8.00 -0.16 -12.78
N ARG A 247 -7.25 -1.12 -13.29
CA ARG A 247 -5.90 -0.87 -13.79
C ARG A 247 -5.92 0.15 -14.91
N LYS A 248 -6.74 -0.09 -15.92
CA LYS A 248 -6.78 0.81 -17.07
C LYS A 248 -7.24 2.22 -16.66
N ALA A 249 -8.21 2.30 -15.72
CA ALA A 249 -8.66 3.61 -15.22
C ALA A 249 -7.51 4.37 -14.54
N ALA A 250 -6.84 3.70 -13.60
CA ALA A 250 -5.78 4.35 -12.83
C ALA A 250 -4.60 4.70 -13.72
N TRP A 251 -4.29 3.84 -14.70
CA TRP A 251 -3.12 4.06 -15.53
C TRP A 251 -3.35 5.25 -16.45
N GLU A 252 -4.52 5.33 -17.07
CA GLU A 252 -4.81 6.45 -17.99
C GLU A 252 -4.91 7.76 -17.24
N ALA A 253 -5.43 7.74 -16.00
CA ALA A 253 -5.51 8.95 -15.19
C ALA A 253 -4.09 9.45 -14.93
N TYR A 254 -3.19 8.52 -14.66
CA TYR A 254 -1.78 8.82 -14.44
C TYR A 254 -1.16 9.44 -15.70
N LEU A 255 -1.34 8.78 -16.84
CA LEU A 255 -0.76 9.28 -18.09
C LEU A 255 -1.25 10.67 -18.44
N SER A 256 -2.55 10.92 -18.26
CA SER A 256 -3.11 12.21 -18.63
CA SER A 256 -3.15 12.20 -18.60
C SER A 256 -2.57 13.31 -17.73
N ARG A 257 -2.37 12.99 -16.47
CA ARG A 257 -1.83 13.95 -15.51
C ARG A 257 -0.38 14.22 -15.88
N LEU A 258 0.31 13.21 -16.41
CA LEU A 258 1.68 13.39 -16.90
C LEU A 258 1.77 14.22 -18.17
N GLY A 259 0.74 14.14 -19.01
CA GLY A 259 0.67 14.97 -20.23
C GLY A 259 1.58 14.52 -21.35
#